data_3L0R
#
_entry.id   3L0R
#
_cell.length_a   69.805
_cell.length_b   69.805
_cell.length_c   133.994
_cell.angle_alpha   90.00
_cell.angle_beta   90.00
_cell.angle_gamma   120.00
#
_symmetry.space_group_name_H-M   'P 31 2 1'
#
loop_
_entity.id
_entity.type
_entity.pdbx_description
1 polymer Cystatin-2
2 non-polymer 'CHLORIDE ION'
3 non-polymer GLYCEROL
4 water water
#
_entity_poly.entity_id   1
_entity_poly.type   'polypeptide(L)'
_entity_poly.pdbx_seq_one_letter_code
;TSIPGGWTRQDPTEARFLELAHFATSSQTEGREFYDTVVTVKEVETQVVAGMNYKLTIEISPSVCKIGEVQYSAEQCVPK
DAQQKSTCVAVIYHVPWQNQKSVTSYRCEHHHHHH
;
_entity_poly.pdbx_strand_id   A,B
#
loop_
_chem_comp.id
_chem_comp.type
_chem_comp.name
_chem_comp.formula
CL non-polymer 'CHLORIDE ION' 'Cl -1'
GOL non-polymer GLYCEROL 'C3 H8 O3'
#
# COMPACT_ATOMS: atom_id res chain seq x y z
N ILE A 3 13.71 -0.96 -6.99
CA ILE A 3 12.80 -1.64 -6.02
C ILE A 3 12.13 -2.86 -6.66
N PRO A 4 12.43 -4.07 -6.13
CA PRO A 4 11.75 -5.28 -6.60
C PRO A 4 10.24 -5.28 -6.30
N GLY A 5 9.46 -5.91 -7.18
CA GLY A 5 8.03 -6.09 -6.94
C GLY A 5 7.63 -7.27 -6.07
N GLY A 6 8.57 -8.18 -5.79
CA GLY A 6 8.25 -9.44 -5.11
C GLY A 6 7.99 -9.33 -3.61
N TRP A 7 7.76 -10.46 -2.97
CA TRP A 7 7.59 -10.53 -1.52
C TRP A 7 8.93 -10.69 -0.84
N THR A 8 9.18 -9.91 0.21
CA THR A 8 10.43 -10.05 0.97
C THR A 8 10.17 -10.66 2.34
N ARG A 9 10.78 -11.80 2.62
CA ARG A 9 10.58 -12.44 3.92
C ARG A 9 11.29 -11.69 5.04
N GLN A 10 10.56 -11.48 6.14
CA GLN A 10 11.03 -10.74 7.30
C GLN A 10 11.21 -11.64 8.52
N ASP A 11 11.93 -11.11 9.49
CA ASP A 11 11.97 -11.71 10.83
C ASP A 11 10.60 -11.53 11.48
N PRO A 12 9.89 -12.64 11.74
CA PRO A 12 8.47 -12.53 12.15
C PRO A 12 8.29 -12.11 13.63
N THR A 13 9.38 -12.02 14.39
CA THR A 13 9.29 -11.76 15.82
C THR A 13 9.30 -10.26 16.12
N GLU A 14 9.37 -9.44 15.06
CA GLU A 14 9.36 -7.99 15.25
C GLU A 14 8.03 -7.50 15.80
N ALA A 15 8.10 -6.61 16.79
CA ALA A 15 6.93 -6.05 17.46
C ALA A 15 5.88 -5.47 16.50
N ARG A 16 6.32 -4.72 15.50
CA ARG A 16 5.42 -4.07 14.52
C ARG A 16 4.53 -5.09 13.83
N PHE A 17 5.03 -6.30 13.64
CA PHE A 17 4.26 -7.31 12.97
C PHE A 17 3.23 -7.91 13.90
N LEU A 18 3.54 -7.96 15.20
CA LEU A 18 2.57 -8.43 16.18
C LEU A 18 1.43 -7.40 16.30
N GLU A 19 1.81 -6.13 16.30
CA GLU A 19 0.86 -5.03 16.30
C GLU A 19 -0.12 -5.14 15.11
N LEU A 20 0.41 -5.42 13.92
CA LEU A 20 -0.40 -5.54 12.71
C LEU A 20 -1.30 -6.77 12.75
N ALA A 21 -0.78 -7.86 13.33
CA ALA A 21 -1.51 -9.11 13.48
C ALA A 21 -2.73 -8.91 14.37
N HIS A 22 -2.57 -8.17 15.45
CA HIS A 22 -3.68 -7.85 16.31
C HIS A 22 -4.70 -6.97 15.60
N PHE A 23 -4.21 -6.00 14.83
CA PHE A 23 -5.08 -5.12 14.07
C PHE A 23 -5.96 -5.94 13.15
N ALA A 24 -5.37 -6.88 12.45
CA ALA A 24 -6.08 -7.67 11.46
C ALA A 24 -7.06 -8.65 12.11
N THR A 25 -6.65 -9.20 13.25
CA THR A 25 -7.44 -10.23 13.93
C THR A 25 -8.62 -9.62 14.69
N SER A 26 -8.37 -8.50 15.37
CA SER A 26 -9.39 -7.80 16.16
C SER A 26 -10.54 -7.37 15.25
N SER A 27 -10.26 -7.41 13.97
CA SER A 27 -11.09 -6.80 12.98
C SER A 27 -12.05 -7.84 12.38
N GLN A 28 -11.84 -9.11 12.76
CA GLN A 28 -12.62 -10.25 12.26
C GLN A 28 -13.74 -10.57 13.22
N THR A 29 -14.90 -9.95 13.03
CA THR A 29 -15.95 -9.94 14.05
C THR A 29 -17.27 -10.62 13.63
N GLU A 30 -17.36 -10.97 12.35
CA GLU A 30 -18.54 -11.60 11.78
C GLU A 30 -18.78 -12.99 12.39
N GLY A 31 -20.01 -13.23 12.85
CA GLY A 31 -20.46 -14.56 13.30
C GLY A 31 -19.75 -15.13 14.52
N ARG A 32 -19.29 -14.25 15.41
CA ARG A 32 -18.60 -14.63 16.64
C ARG A 32 -19.18 -13.89 17.83
N GLU A 33 -19.12 -14.55 18.98
CA GLU A 33 -19.44 -13.94 20.25
C GLU A 33 -18.21 -13.19 20.80
N PHE A 34 -17.02 -13.73 20.54
CA PHE A 34 -15.78 -13.19 21.12
C PHE A 34 -14.81 -12.75 20.05
N TYR A 35 -14.00 -11.75 20.38
CA TYR A 35 -12.86 -11.45 19.55
C TYR A 35 -11.94 -12.64 19.53
N ASP A 36 -11.39 -12.93 18.35
CA ASP A 36 -10.23 -13.81 18.26
C ASP A 36 -9.01 -12.96 18.57
N THR A 37 -7.95 -13.62 19.01
CA THR A 37 -6.72 -12.90 19.26
C THR A 37 -5.51 -13.67 18.71
N VAL A 38 -4.36 -13.00 18.75
CA VAL A 38 -3.13 -13.58 18.27
C VAL A 38 -2.40 -14.37 19.35
N VAL A 39 -2.00 -15.59 19.03
CA VAL A 39 -1.18 -16.40 19.87
C VAL A 39 0.26 -16.27 19.39
N THR A 40 0.47 -16.38 18.07
CA THR A 40 1.83 -16.32 17.54
C THR A 40 1.88 -15.79 16.10
N VAL A 41 2.98 -15.13 15.77
CA VAL A 41 3.29 -14.68 14.41
C VAL A 41 4.36 -15.62 13.87
N LYS A 42 3.97 -16.49 12.94
CA LYS A 42 4.86 -17.53 12.44
C LYS A 42 5.75 -17.06 11.31
N GLU A 43 5.18 -16.23 10.43
CA GLU A 43 5.86 -15.86 9.21
C GLU A 43 5.39 -14.50 8.70
N VAL A 44 6.33 -13.71 8.15
CA VAL A 44 6.03 -12.36 7.63
C VAL A 44 6.72 -12.07 6.28
N GLU A 45 5.96 -11.52 5.34
CA GLU A 45 6.47 -11.12 4.04
C GLU A 45 5.90 -9.76 3.71
N THR A 46 6.75 -8.91 3.16
CA THR A 46 6.33 -7.55 2.80
C THR A 46 6.53 -7.33 1.31
N GLN A 47 5.70 -6.46 0.76
CA GLN A 47 5.74 -6.16 -0.66
C GLN A 47 5.54 -4.67 -0.81
N VAL A 48 6.44 -4.04 -1.56
CA VAL A 48 6.37 -2.61 -1.84
C VAL A 48 5.46 -2.36 -3.03
N VAL A 49 4.33 -1.69 -2.78
CA VAL A 49 3.40 -1.23 -3.82
C VAL A 49 3.21 0.29 -3.66
N ALA A 50 2.02 0.83 -3.95
CA ALA A 50 1.81 2.26 -3.67
C ALA A 50 1.47 2.39 -2.18
N GLY A 51 2.47 2.10 -1.36
CA GLY A 51 2.31 1.73 0.05
C GLY A 51 3.00 0.40 0.26
N MET A 52 2.62 -0.32 1.32
CA MET A 52 3.20 -1.60 1.71
C MET A 52 2.13 -2.66 1.95
N ASN A 53 2.38 -3.86 1.43
CA ASN A 53 1.60 -5.03 1.79
C ASN A 53 2.33 -5.84 2.84
N TYR A 54 1.60 -6.25 3.88
CA TYR A 54 2.13 -7.13 4.93
C TYR A 54 1.35 -8.41 4.87
N LYS A 55 2.06 -9.51 4.62
CA LYS A 55 1.50 -10.84 4.64
C LYS A 55 1.95 -11.61 5.91
N LEU A 56 1.00 -11.80 6.84
CA LEU A 56 1.29 -12.43 8.11
C LEU A 56 0.61 -13.77 8.23
N THR A 57 1.43 -14.79 8.47
CA THR A 57 1.00 -16.12 8.81
C THR A 57 1.03 -16.18 10.34
N ILE A 58 -0.14 -16.35 10.94
CA ILE A 58 -0.31 -16.23 12.37
C ILE A 58 -1.15 -17.38 12.91
N GLU A 59 -0.98 -17.66 14.20
CA GLU A 59 -1.87 -18.54 14.92
C GLU A 59 -2.82 -17.73 15.79
N ILE A 60 -4.10 -18.05 15.65
CA ILE A 60 -5.14 -17.33 16.39
C ILE A 60 -5.90 -18.26 17.32
N SER A 61 -6.61 -17.65 18.26
CA SER A 61 -7.33 -18.38 19.30
C SER A 61 -8.40 -17.44 19.83
N PRO A 62 -9.60 -17.97 20.14
CA PRO A 62 -10.64 -17.13 20.73
C PRO A 62 -10.19 -16.50 22.06
N SER A 63 -10.49 -15.21 22.23
CA SER A 63 -10.12 -14.45 23.44
C SER A 63 -11.24 -14.41 24.48
N VAL A 64 -10.92 -13.84 25.63
CA VAL A 64 -11.88 -13.65 26.70
C VAL A 64 -12.79 -12.43 26.46
N CYS A 65 -12.49 -11.63 25.45
CA CYS A 65 -13.25 -10.40 25.19
C CYS A 65 -14.48 -10.61 24.34
N LYS A 66 -15.64 -10.30 24.90
CA LYS A 66 -16.88 -10.41 24.18
C LYS A 66 -17.13 -9.17 23.31
N ILE A 67 -17.36 -9.42 22.04
CA ILE A 67 -17.58 -8.38 21.05
C ILE A 67 -18.80 -7.55 21.42
N GLY A 68 -18.67 -6.22 21.32
CA GLY A 68 -19.76 -5.31 21.62
C GLY A 68 -19.92 -5.03 23.11
N GLU A 69 -19.18 -5.79 23.93
CA GLU A 69 -19.18 -5.62 25.38
CA GLU A 69 -19.21 -5.58 25.37
C GLU A 69 -17.96 -4.82 25.82
N VAL A 70 -16.84 -5.03 25.14
CA VAL A 70 -15.60 -4.29 25.43
C VAL A 70 -14.91 -3.87 24.14
N GLN A 71 -14.02 -2.89 24.24
CA GLN A 71 -13.15 -2.55 23.12
C GLN A 71 -11.99 -3.55 23.11
N TYR A 72 -11.56 -3.94 21.91
CA TYR A 72 -10.43 -4.85 21.76
C TYR A 72 -9.10 -4.23 22.18
N SER A 73 -8.34 -4.95 23.00
CA SER A 73 -6.92 -4.66 23.18
C SER A 73 -6.10 -5.95 23.26
N ALA A 74 -4.88 -5.91 22.75
CA ALA A 74 -3.96 -7.04 22.80
C ALA A 74 -3.73 -7.50 24.23
N GLU A 75 -3.67 -6.53 25.14
CA GLU A 75 -3.30 -6.75 26.53
C GLU A 75 -4.44 -7.40 27.32
N GLN A 76 -5.66 -6.97 27.03
CA GLN A 76 -6.83 -7.39 27.80
C GLN A 76 -7.33 -8.70 27.24
N CYS A 77 -7.39 -8.78 25.91
CA CYS A 77 -8.04 -9.90 25.23
C CYS A 77 -7.07 -11.04 24.98
N VAL A 78 -6.66 -11.67 26.06
CA VAL A 78 -5.84 -12.87 26.00
C VAL A 78 -6.70 -14.05 25.50
N PRO A 79 -6.06 -15.10 24.96
CA PRO A 79 -6.76 -16.34 24.61
C PRO A 79 -7.50 -16.94 25.79
N LYS A 80 -8.70 -17.49 25.56
CA LYS A 80 -9.34 -18.34 26.59
C LYS A 80 -8.41 -19.52 26.94
N ASP A 81 -7.77 -20.06 25.91
CA ASP A 81 -6.99 -21.30 25.97
C ASP A 81 -6.09 -21.32 24.74
N ALA A 82 -4.81 -21.01 24.95
CA ALA A 82 -3.88 -20.72 23.84
C ALA A 82 -3.42 -22.01 23.11
N GLN A 83 -3.66 -23.16 23.75
CA GLN A 83 -3.46 -24.46 23.10
C GLN A 83 -4.42 -24.71 21.91
N GLN A 84 -5.60 -24.08 21.89
CA GLN A 84 -6.55 -24.19 20.76
C GLN A 84 -6.21 -23.19 19.65
N LYS A 85 -5.39 -23.61 18.70
CA LYS A 85 -4.82 -22.69 17.73
C LYS A 85 -5.41 -22.88 16.33
N SER A 86 -5.53 -21.77 15.59
CA SER A 86 -5.88 -21.82 14.17
C SER A 86 -4.90 -20.98 13.40
N THR A 87 -4.48 -21.47 12.25
CA THR A 87 -3.50 -20.81 11.44
C THR A 87 -4.20 -20.02 10.37
N CYS A 88 -3.88 -18.73 10.28
CA CYS A 88 -4.46 -17.86 9.28
C CYS A 88 -3.38 -17.09 8.54
N VAL A 89 -3.72 -16.61 7.35
CA VAL A 89 -2.88 -15.72 6.58
C VAL A 89 -3.63 -14.40 6.41
N ALA A 90 -3.06 -13.33 6.95
CA ALA A 90 -3.63 -11.99 6.85
C ALA A 90 -2.75 -11.09 5.97
N VAL A 91 -3.41 -10.42 5.02
CA VAL A 91 -2.76 -9.39 4.21
C VAL A 91 -3.35 -8.04 4.57
N ILE A 92 -2.46 -7.15 5.02
CA ILE A 92 -2.74 -5.75 5.35
C ILE A 92 -2.06 -4.86 4.33
N TYR A 93 -2.87 -3.98 3.75
CA TYR A 93 -2.46 -2.91 2.88
C TYR A 93 -2.37 -1.61 3.69
N HIS A 94 -1.17 -0.99 3.68
CA HIS A 94 -0.87 0.22 4.43
C HIS A 94 -0.50 1.36 3.48
N VAL A 95 -1.21 2.48 3.59
CA VAL A 95 -0.84 3.70 2.87
C VAL A 95 -0.43 4.73 3.93
N PRO A 96 0.88 4.75 4.28
CA PRO A 96 1.32 5.51 5.45
C PRO A 96 1.00 7.01 5.39
N TRP A 97 1.14 7.62 4.21
CA TRP A 97 0.93 9.05 4.08
C TRP A 97 -0.56 9.45 4.17
N GLN A 98 -1.45 8.46 4.18
CA GLN A 98 -2.86 8.75 4.48
C GLN A 98 -3.32 8.11 5.79
N ASN A 99 -2.39 7.42 6.46
CA ASN A 99 -2.69 6.79 7.73
C ASN A 99 -3.79 5.75 7.58
N GLN A 100 -3.73 4.98 6.50
CA GLN A 100 -4.75 3.98 6.23
C GLN A 100 -4.21 2.58 6.15
N LYS A 101 -4.86 1.70 6.89
CA LYS A 101 -4.61 0.26 6.90
C LYS A 101 -5.94 -0.41 6.60
N SER A 102 -5.93 -1.36 5.67
CA SER A 102 -7.10 -2.18 5.43
C SER A 102 -6.70 -3.65 5.35
N VAL A 103 -7.63 -4.52 5.68
CA VAL A 103 -7.36 -5.94 5.62
C VAL A 103 -7.76 -6.39 4.23
N THR A 104 -6.76 -6.65 3.39
CA THR A 104 -7.02 -7.11 2.03
C THR A 104 -7.71 -8.49 2.02
N SER A 105 -7.22 -9.40 2.86
CA SER A 105 -7.75 -10.76 2.93
C SER A 105 -7.35 -11.34 4.26
N TYR A 106 -8.15 -12.29 4.74
CA TYR A 106 -7.89 -12.94 6.00
C TYR A 106 -8.42 -14.36 5.85
N ARG A 107 -7.50 -15.31 5.79
CA ARG A 107 -7.82 -16.67 5.37
C ARG A 107 -7.27 -17.69 6.34
N CYS A 108 -8.19 -18.43 6.96
CA CYS A 108 -7.79 -19.42 7.93
C CYS A 108 -7.85 -20.85 7.41
N GLU A 109 -6.68 -21.46 7.36
CA GLU A 109 -6.50 -22.89 7.16
C GLU A 109 -7.27 -23.60 8.27
N HIS A 110 -7.04 -23.14 9.51
CA HIS A 110 -7.65 -23.72 10.71
C HIS A 110 -6.75 -24.74 11.38
N ILE B 3 20.51 1.08 -31.33
CA ILE B 3 19.69 1.50 -30.16
C ILE B 3 20.03 0.70 -28.89
N PRO B 4 20.51 1.39 -27.84
CA PRO B 4 20.86 0.73 -26.57
C PRO B 4 19.62 0.19 -25.86
N GLY B 5 19.81 -0.79 -24.98
CA GLY B 5 18.71 -1.43 -24.28
C GLY B 5 18.42 -0.92 -22.89
N GLY B 6 19.33 -0.13 -22.31
CA GLY B 6 19.20 0.27 -20.91
C GLY B 6 18.41 1.55 -20.68
N TRP B 7 18.59 2.15 -19.53
CA TRP B 7 17.85 3.37 -19.17
C TRP B 7 18.63 4.63 -19.48
N THR B 8 17.92 5.68 -19.88
CA THR B 8 18.52 6.96 -20.28
C THR B 8 17.95 8.10 -19.45
N ARG B 9 18.81 8.80 -18.71
CA ARG B 9 18.44 9.96 -17.91
CA ARG B 9 18.39 9.93 -17.92
C ARG B 9 17.77 11.04 -18.78
N GLN B 10 16.69 11.62 -18.30
CA GLN B 10 15.98 12.67 -19.01
C GLN B 10 15.88 13.90 -18.13
N ASP B 11 15.48 15.01 -18.75
CA ASP B 11 15.18 16.23 -18.04
C ASP B 11 13.85 16.04 -17.31
N PRO B 12 13.88 16.07 -15.95
CA PRO B 12 12.65 15.74 -15.22
C PRO B 12 11.64 16.90 -15.22
N THR B 13 12.05 18.07 -15.71
CA THR B 13 11.27 19.30 -15.76
C THR B 13 10.22 19.28 -16.86
N GLU B 14 10.39 18.39 -17.83
CA GLU B 14 9.53 18.36 -19.02
C GLU B 14 8.05 18.13 -18.68
N ALA B 15 7.20 18.99 -19.24
CA ALA B 15 5.76 18.94 -19.01
C ALA B 15 5.18 17.52 -19.15
N ARG B 16 5.58 16.85 -20.24
CA ARG B 16 5.21 15.49 -20.59
C ARG B 16 5.40 14.52 -19.42
N PHE B 17 6.47 14.72 -18.67
CA PHE B 17 6.75 13.84 -17.53
C PHE B 17 5.87 14.20 -16.34
N LEU B 18 5.51 15.48 -16.21
CA LEU B 18 4.57 15.87 -15.17
C LEU B 18 3.19 15.24 -15.40
N GLU B 19 2.77 15.24 -16.66
CA GLU B 19 1.49 14.70 -17.07
C GLU B 19 1.52 13.20 -16.78
N LEU B 20 2.58 12.51 -17.18
CA LEU B 20 2.67 11.07 -16.91
C LEU B 20 2.63 10.75 -15.42
N ALA B 21 3.18 11.64 -14.61
CA ALA B 21 3.30 11.40 -13.19
C ALA B 21 1.91 11.51 -12.55
N HIS B 22 1.15 12.50 -13.02
CA HIS B 22 -0.25 12.66 -12.64
C HIS B 22 -1.11 11.46 -13.04
N PHE B 23 -0.94 11.01 -14.28
CA PHE B 23 -1.59 9.80 -14.73
C PHE B 23 -1.31 8.58 -13.80
N ALA B 24 -0.05 8.37 -13.44
CA ALA B 24 0.30 7.22 -12.62
C ALA B 24 -0.23 7.34 -11.19
N THR B 25 -0.10 8.54 -10.64
CA THR B 25 -0.44 8.80 -9.25
C THR B 25 -1.95 8.73 -9.02
N SER B 26 -2.72 9.25 -9.96
CA SER B 26 -4.18 9.27 -9.84
C SER B 26 -4.83 7.91 -10.08
N SER B 27 -4.03 6.96 -10.60
CA SER B 27 -4.49 5.58 -10.78
C SER B 27 -4.42 4.80 -9.49
N GLN B 28 -3.70 5.33 -8.51
CA GLN B 28 -3.47 4.64 -7.23
C GLN B 28 -4.62 4.98 -6.28
N THR B 29 -5.66 4.17 -6.33
CA THR B 29 -6.89 4.49 -5.58
C THR B 29 -7.17 3.50 -4.46
N GLU B 30 -6.47 2.37 -4.48
CA GLU B 30 -6.74 1.31 -3.52
CA GLU B 30 -6.68 1.28 -3.53
C GLU B 30 -6.45 1.73 -2.08
N GLY B 31 -7.34 1.35 -1.18
CA GLY B 31 -7.20 1.64 0.26
C GLY B 31 -6.92 3.08 0.63
N ARG B 32 -7.54 4.02 -0.11
CA ARG B 32 -7.37 5.47 0.08
C ARG B 32 -8.67 6.21 0.14
N GLU B 33 -8.73 7.22 1.01
CA GLU B 33 -9.86 8.11 1.04
C GLU B 33 -9.67 9.22 -0.02
N PHE B 34 -8.43 9.62 -0.25
CA PHE B 34 -8.14 10.74 -1.13
C PHE B 34 -7.22 10.34 -2.25
N TYR B 35 -7.38 10.96 -3.40
CA TYR B 35 -6.36 10.87 -4.43
C TYR B 35 -5.05 11.42 -3.88
N ASP B 36 -3.96 10.72 -4.22
CA ASP B 36 -2.64 11.29 -4.04
C ASP B 36 -2.36 12.17 -5.23
N THR B 37 -1.47 13.12 -5.03
CA THR B 37 -1.08 13.98 -6.14
C THR B 37 0.43 14.13 -6.23
N VAL B 38 0.86 14.79 -7.30
CA VAL B 38 2.28 14.98 -7.56
C VAL B 38 2.74 16.31 -6.98
N VAL B 39 3.75 16.27 -6.11
CA VAL B 39 4.40 17.48 -5.61
C VAL B 39 5.59 17.85 -6.51
N THR B 40 6.43 16.88 -6.84
CA THR B 40 7.58 17.14 -7.71
C THR B 40 8.05 15.90 -8.47
N VAL B 41 8.50 16.08 -9.71
CA VAL B 41 9.18 15.01 -10.44
C VAL B 41 10.69 15.16 -10.20
N LYS B 42 11.26 14.19 -9.48
CA LYS B 42 12.67 14.25 -9.06
CA LYS B 42 12.67 14.29 -9.07
C LYS B 42 13.60 13.80 -10.17
N GLU B 43 13.12 12.84 -10.96
CA GLU B 43 14.01 12.06 -11.81
C GLU B 43 13.23 11.29 -12.85
N VAL B 44 13.75 11.30 -14.08
CA VAL B 44 13.16 10.56 -15.19
C VAL B 44 14.25 9.80 -15.96
N GLU B 45 13.97 8.52 -16.23
CA GLU B 45 14.79 7.68 -17.09
C GLU B 45 13.86 7.10 -18.12
N THR B 46 14.33 6.94 -19.34
CA THR B 46 13.55 6.21 -20.34
C THR B 46 14.28 4.97 -20.86
N GLN B 47 13.47 4.04 -21.35
CA GLN B 47 13.98 2.84 -21.97
C GLN B 47 13.19 2.47 -23.23
N VAL B 48 13.93 2.17 -24.29
CA VAL B 48 13.39 1.78 -25.59
C VAL B 48 13.12 0.28 -25.66
N VAL B 49 11.85 -0.07 -25.88
CA VAL B 49 11.43 -1.45 -26.11
C VAL B 49 10.61 -1.45 -27.42
N ALA B 50 9.56 -2.27 -27.51
CA ALA B 50 8.60 -2.18 -28.61
C ALA B 50 7.60 -1.07 -28.25
N GLY B 51 8.11 0.16 -28.18
CA GLY B 51 7.48 1.26 -27.44
C GLY B 51 8.47 1.87 -26.44
N MET B 52 7.97 2.44 -25.35
CA MET B 52 8.77 3.26 -24.44
C MET B 52 8.38 3.01 -22.99
N ASN B 53 9.36 2.80 -22.13
CA ASN B 53 9.17 2.79 -20.68
C ASN B 53 9.61 4.12 -20.10
N TYR B 54 8.76 4.69 -19.24
CA TYR B 54 9.11 5.90 -18.51
C TYR B 54 9.23 5.48 -17.07
N LYS B 55 10.36 5.79 -16.44
CA LYS B 55 10.54 5.52 -15.04
C LYS B 55 10.68 6.85 -14.36
N LEU B 56 9.69 7.17 -13.53
CA LEU B 56 9.55 8.47 -12.88
C LEU B 56 9.73 8.38 -11.38
N THR B 57 10.70 9.10 -10.84
CA THR B 57 10.91 9.19 -9.41
C THR B 57 10.22 10.48 -8.96
N ILE B 58 9.19 10.32 -8.14
CA ILE B 58 8.20 11.38 -7.86
CA ILE B 58 8.30 11.44 -7.84
C ILE B 58 8.00 11.59 -6.35
N GLU B 59 7.81 12.84 -5.94
CA GLU B 59 7.35 13.09 -4.59
C GLU B 59 5.85 13.33 -4.67
N ILE B 60 5.13 12.57 -3.85
CA ILE B 60 3.68 12.61 -3.81
C ILE B 60 3.17 13.05 -2.43
N SER B 61 1.89 13.44 -2.38
CA SER B 61 1.27 13.91 -1.16
C SER B 61 -0.24 13.72 -1.32
N PRO B 62 -0.95 13.38 -0.22
CA PRO B 62 -2.43 13.31 -0.32
C PRO B 62 -3.02 14.61 -0.84
N SER B 63 -3.98 14.52 -1.76
CA SER B 63 -4.60 15.71 -2.33
C SER B 63 -5.86 16.07 -1.57
N VAL B 64 -6.45 17.21 -1.92
CA VAL B 64 -7.73 17.63 -1.35
C VAL B 64 -8.93 16.87 -1.94
N CYS B 65 -8.71 16.10 -3.01
CA CYS B 65 -9.81 15.43 -3.72
C CYS B 65 -10.12 14.05 -3.15
N LYS B 66 -11.37 13.86 -2.78
CA LYS B 66 -11.84 12.59 -2.23
C LYS B 66 -12.26 11.63 -3.34
N ILE B 67 -11.66 10.46 -3.34
CA ILE B 67 -12.03 9.42 -4.31
C ILE B 67 -13.52 9.05 -4.18
N GLY B 68 -14.21 8.97 -5.33
CA GLY B 68 -15.65 8.68 -5.36
C GLY B 68 -16.55 9.90 -5.24
N GLU B 69 -15.96 11.04 -4.90
CA GLU B 69 -16.67 12.29 -4.65
C GLU B 69 -16.48 13.26 -5.85
N VAL B 70 -15.26 13.33 -6.35
CA VAL B 70 -14.89 14.22 -7.46
C VAL B 70 -13.98 13.45 -8.43
N GLN B 71 -13.86 13.93 -9.66
CA GLN B 71 -12.87 13.44 -10.59
C GLN B 71 -11.49 14.07 -10.31
N TYR B 72 -10.44 13.32 -10.62
CA TYR B 72 -9.10 13.84 -10.52
C TYR B 72 -8.74 14.81 -11.65
N SER B 73 -8.13 15.93 -11.29
CA SER B 73 -7.37 16.74 -12.24
C SER B 73 -6.16 17.32 -11.52
N ALA B 74 -5.04 17.47 -12.24
CA ALA B 74 -3.85 18.06 -11.65
C ALA B 74 -4.14 19.44 -11.04
N GLU B 75 -5.05 20.17 -11.67
CA GLU B 75 -5.30 21.54 -11.31
C GLU B 75 -6.12 21.70 -10.03
N GLN B 76 -7.12 20.83 -9.82
CA GLN B 76 -7.94 20.94 -8.64
CA GLN B 76 -7.97 20.91 -8.63
C GLN B 76 -7.38 20.16 -7.45
N CYS B 77 -6.80 18.99 -7.72
CA CYS B 77 -6.35 18.11 -6.65
C CYS B 77 -4.96 18.45 -6.22
N VAL B 78 -4.82 19.65 -5.66
CA VAL B 78 -3.57 20.07 -5.05
C VAL B 78 -3.39 19.34 -3.70
N PRO B 79 -2.15 19.23 -3.21
CA PRO B 79 -1.89 18.61 -1.90
C PRO B 79 -2.58 19.33 -0.73
N LYS B 80 -3.03 18.58 0.28
CA LYS B 80 -3.48 19.18 1.54
C LYS B 80 -2.32 19.92 2.20
N ASP B 81 -1.17 19.25 2.21
CA ASP B 81 0.04 19.76 2.82
C ASP B 81 1.19 19.31 1.93
N ALA B 82 1.65 20.23 1.10
CA ALA B 82 2.71 19.97 0.13
C ALA B 82 4.08 19.70 0.77
N GLN B 83 4.18 19.93 2.08
CA GLN B 83 5.43 19.66 2.80
C GLN B 83 5.48 18.23 3.31
N GLN B 84 4.33 17.55 3.23
CA GLN B 84 4.21 16.15 3.61
C GLN B 84 4.42 15.32 2.33
N LYS B 85 5.62 14.73 2.18
CA LYS B 85 6.07 14.09 0.92
C LYS B 85 6.53 12.64 1.05
N SER B 86 6.22 11.86 0.02
CA SER B 86 6.67 10.47 -0.06
C SER B 86 7.23 10.22 -1.46
N THR B 87 8.34 9.48 -1.52
CA THR B 87 8.97 9.18 -2.79
C THR B 87 8.44 7.87 -3.36
N CYS B 88 8.00 7.91 -4.61
CA CYS B 88 7.56 6.75 -5.34
C CYS B 88 8.23 6.66 -6.70
N VAL B 89 8.41 5.44 -7.18
CA VAL B 89 8.93 5.20 -8.50
C VAL B 89 7.82 4.53 -9.29
N ALA B 90 7.44 5.16 -10.41
CA ALA B 90 6.41 4.70 -11.31
C ALA B 90 7.04 4.33 -12.64
N VAL B 91 6.63 3.18 -13.18
CA VAL B 91 7.07 2.77 -14.51
C VAL B 91 5.83 2.70 -15.40
N ILE B 92 5.88 3.40 -16.53
CA ILE B 92 4.79 3.46 -17.47
C ILE B 92 5.22 2.82 -18.78
N TYR B 93 4.43 1.87 -19.27
CA TYR B 93 4.63 1.28 -20.59
C TYR B 93 3.78 2.03 -21.61
N HIS B 94 4.39 2.41 -22.73
CA HIS B 94 3.72 3.22 -23.73
C HIS B 94 3.96 2.70 -25.17
N VAL B 95 2.87 2.51 -25.92
CA VAL B 95 2.96 2.20 -27.35
C VAL B 95 2.35 3.38 -28.09
N PRO B 96 3.21 4.35 -28.45
CA PRO B 96 2.75 5.64 -28.98
C PRO B 96 1.92 5.51 -30.24
N TRP B 97 2.30 4.60 -31.14
CA TRP B 97 1.63 4.48 -32.42
C TRP B 97 0.29 3.80 -32.29
N GLN B 98 -0.01 3.28 -31.10
CA GLN B 98 -1.33 2.73 -30.84
C GLN B 98 -2.03 3.47 -29.72
N ASN B 99 -1.49 4.64 -29.35
CA ASN B 99 -2.06 5.50 -28.32
C ASN B 99 -2.50 4.71 -27.09
N GLN B 100 -1.61 3.86 -26.60
CA GLN B 100 -1.93 3.03 -25.45
C GLN B 100 -0.80 3.06 -24.41
N LYS B 101 -1.20 3.03 -23.15
CA LYS B 101 -0.35 3.46 -22.04
C LYS B 101 -0.84 2.79 -20.76
N SER B 102 0.06 2.29 -19.93
CA SER B 102 -0.32 1.78 -18.62
C SER B 102 0.79 1.79 -17.59
N VAL B 103 0.38 1.76 -16.34
CA VAL B 103 1.27 1.74 -15.20
C VAL B 103 1.74 0.32 -14.92
N THR B 104 3.02 0.09 -15.16
CA THR B 104 3.58 -1.24 -14.98
C THR B 104 3.79 -1.51 -13.51
N SER B 105 4.29 -0.49 -12.81
CA SER B 105 4.64 -0.61 -11.40
C SER B 105 4.58 0.76 -10.75
N TYR B 106 4.27 0.77 -9.46
CA TYR B 106 4.18 1.98 -8.67
C TYR B 106 4.59 1.60 -7.25
N ARG B 107 5.80 2.02 -6.87
CA ARG B 107 6.47 1.53 -5.67
C ARG B 107 6.98 2.66 -4.79
N CYS B 108 6.48 2.68 -3.56
CA CYS B 108 6.89 3.67 -2.61
C CYS B 108 7.54 2.96 -1.40
N GLU B 109 8.87 2.94 -1.39
CA GLU B 109 9.59 2.49 -0.19
C GLU B 109 9.41 3.55 0.90
N HIS B 110 9.58 3.14 2.16
CA HIS B 110 9.42 4.05 3.28
C HIS B 110 10.46 3.80 4.34
CL CL C . 1.18 -10.97 -5.62
C1 GOL D . 2.28 -0.69 11.99
O1 GOL D . 2.79 -1.56 12.99
C2 GOL D . 3.35 -0.06 11.06
O2 GOL D . 4.50 -0.87 10.89
C3 GOL D . 3.74 1.34 11.56
O3 GOL D . 3.75 2.30 10.50
CL CL E . 15.35 -3.48 -16.62
C1 GOL F . -2.89 7.87 -24.63
O1 GOL F . -2.69 6.76 -23.77
C2 GOL F . -1.56 8.54 -25.01
O2 GOL F . -1.44 9.78 -24.33
C3 GOL F . -1.52 8.76 -26.52
O3 GOL F . -0.32 8.25 -27.05
C1 GOL G . -10.96 0.21 -2.29
O1 GOL G . -10.08 0.70 -1.31
C2 GOL G . -10.16 -0.10 -3.57
O2 GOL G . -9.93 -1.49 -3.66
C3 GOL G . -10.86 0.43 -4.83
O3 GOL G . -9.93 0.86 -5.80
#